data_3SC4
#
_entry.id   3SC4
#
_cell.length_a   111.490
_cell.length_b   111.490
_cell.length_c   124.880
_cell.angle_alpha   90.000
_cell.angle_beta   90.000
_cell.angle_gamma   120.000
#
_symmetry.space_group_name_H-M   'P 65'
#
loop_
_entity.id
_entity.type
_entity.pdbx_description
1 polymer 'Short chain dehydrogenase (A0QTM2 homolog)'
2 non-polymer 1,2-ETHANEDIOL
3 non-polymer 'CHLORIDE ION'
4 non-polymer 'UNKNOWN LIGAND'
5 non-polymer 'SULFATE ION'
6 non-polymer GLYCEROL
7 water water
#
_entity_poly.entity_id   1
_entity_poly.type   'polypeptide(L)'
_entity_poly.pdbx_seq_one_letter_code
;GPGSMSLRGKTMFISGGSRGIGLAIAKRVAADGANVALVAKSAEPHPKLPGTIYTAAKEIEEAGGQALPIVGDIRDGDAV
AAAVAKTVEQFGGIDICVNNASAINLGSIEEVPLKRFDLMNGIQVRGTYAVSQSCIPHMKGRDNPHILTLSPPIRLEPKW
LRPTPYMMAKYGMTLCALGIAEELRDAGIASNTLWPRTTVATAAVQNLLGGDEAMARSRKPEVYADAAYVVLNKPSSYTG
NTLLCEDVLLESGVTDLSVYDCVPGSELGVDLWVDSPNPPGYTGP
;
_entity_poly.pdbx_strand_id   A,B
#
# COMPACT_ATOMS: atom_id res chain seq x y z
N SER A 6 -26.91 3.60 -21.08
CA SER A 6 -27.79 4.07 -19.94
C SER A 6 -27.62 3.30 -18.62
N LEU A 7 -27.76 4.04 -17.51
CA LEU A 7 -27.74 3.48 -16.15
C LEU A 7 -29.08 3.65 -15.41
N ARG A 8 -30.21 3.79 -16.15
CA ARG A 8 -31.55 3.86 -15.56
C ARG A 8 -31.80 2.67 -14.64
N GLY A 9 -32.34 2.94 -13.45
CA GLY A 9 -32.68 1.88 -12.48
C GLY A 9 -31.51 1.13 -11.84
N LYS A 10 -30.28 1.64 -11.99
CA LYS A 10 -29.11 1.06 -11.33
C LYS A 10 -28.86 1.78 -10.02
N THR A 11 -28.21 1.08 -9.09
CA THR A 11 -27.95 1.63 -7.76
C THR A 11 -26.45 1.75 -7.52
N MET A 12 -26.03 2.96 -7.12
CA MET A 12 -24.63 3.27 -6.82
C MET A 12 -24.44 3.59 -5.34
N PHE A 13 -23.36 3.06 -4.78
CA PHE A 13 -22.87 3.42 -3.47
C PHE A 13 -21.54 4.16 -3.65
N ILE A 14 -21.40 5.31 -3.01
CA ILE A 14 -20.24 6.15 -3.25
C ILE A 14 -19.77 6.77 -1.96
N SER A 15 -18.48 6.65 -1.71
CA SER A 15 -17.83 7.36 -0.59
C SER A 15 -17.31 8.67 -1.11
N GLY A 16 -17.43 9.72 -0.32
CA GLY A 16 -16.95 11.04 -0.74
C GLY A 16 -17.73 11.58 -1.95
N GLY A 17 -19.07 11.65 -1.82
CA GLY A 17 -19.91 12.25 -2.85
C GLY A 17 -20.62 13.55 -2.46
N SER A 18 -20.18 14.18 -1.37
CA SER A 18 -20.72 15.45 -0.92
C SER A 18 -20.49 16.65 -1.84
N ARG A 19 -19.44 16.61 -2.65
CA ARG A 19 -18.97 17.81 -3.33
C ARG A 19 -17.94 17.43 -4.41
N GLY A 20 -17.53 18.43 -5.18
CA GLY A 20 -16.50 18.29 -6.19
C GLY A 20 -16.73 17.13 -7.13
N ILE A 21 -15.69 16.31 -7.25
CA ILE A 21 -15.63 15.23 -8.22
C ILE A 21 -16.67 14.15 -7.91
N GLY A 22 -16.79 13.81 -6.65
CA GLY A 22 -17.72 12.77 -6.25
C GLY A 22 -19.15 13.18 -6.53
N LEU A 23 -19.47 14.43 -6.19
CA LEU A 23 -20.79 14.95 -6.48
C LEU A 23 -21.01 14.97 -7.97
N ALA A 24 -20.01 15.39 -8.75
CA ALA A 24 -20.22 15.44 -10.19
C ALA A 24 -20.54 14.07 -10.74
N ILE A 25 -19.83 13.05 -10.25
CA ILE A 25 -20.08 11.69 -10.68
C ILE A 25 -21.50 11.25 -10.26
N ALA A 26 -21.88 11.54 -9.03
CA ALA A 26 -23.17 11.15 -8.50
C ALA A 26 -24.27 11.79 -9.32
N LYS A 27 -24.07 13.05 -9.70
CA LYS A 27 -25.07 13.77 -10.48
C LYS A 27 -25.18 13.23 -11.92
N ARG A 28 -24.06 12.80 -12.49
CA ARG A 28 -24.09 12.27 -13.86
C ARG A 28 -24.81 10.91 -13.90
N VAL A 29 -24.60 10.11 -12.88
CA VAL A 29 -25.24 8.81 -12.78
C VAL A 29 -26.73 9.00 -12.48
N ALA A 30 -27.01 9.91 -11.56
CA ALA A 30 -28.36 10.20 -11.14
C ALA A 30 -29.23 10.70 -12.29
N ALA A 31 -28.64 11.37 -13.29
CA ALA A 31 -29.41 11.95 -14.40
C ALA A 31 -30.08 10.88 -15.27
N ASP A 32 -29.58 9.66 -15.18
CA ASP A 32 -30.21 8.54 -15.90
C ASP A 32 -31.39 7.93 -15.12
N GLY A 33 -31.72 8.50 -13.95
CA GLY A 33 -32.70 7.90 -13.02
C GLY A 33 -32.13 6.78 -12.15
N ALA A 34 -30.90 6.94 -11.69
CA ALA A 34 -30.27 5.94 -10.84
C ALA A 34 -30.46 6.30 -9.36
N ASN A 35 -30.33 5.30 -8.51
CA ASN A 35 -30.27 5.52 -7.07
C ASN A 35 -28.81 5.77 -6.70
N VAL A 36 -28.56 6.71 -5.79
CA VAL A 36 -27.22 6.98 -5.32
C VAL A 36 -27.31 7.03 -3.80
N ALA A 37 -26.58 6.12 -3.16
CA ALA A 37 -26.43 6.11 -1.72
C ALA A 37 -25.05 6.73 -1.49
N LEU A 38 -24.99 7.74 -0.64
CA LEU A 38 -23.74 8.45 -0.40
C LEU A 38 -23.46 8.58 1.09
N VAL A 39 -22.20 8.29 1.44
CA VAL A 39 -21.81 8.15 2.82
C VAL A 39 -20.73 9.21 3.16
N ALA A 40 -20.79 9.78 4.37
CA ALA A 40 -19.76 10.71 4.88
C ALA A 40 -19.76 10.69 6.41
N LYS A 41 -18.65 11.14 6.99
CA LYS A 41 -18.41 11.01 8.41
C LYS A 41 -19.35 11.83 9.24
N SER A 42 -19.64 13.05 8.77
CA SER A 42 -20.49 14.01 9.45
C SER A 42 -21.44 14.64 8.42
N ALA A 43 -22.60 15.07 8.87
CA ALA A 43 -23.56 15.79 8.02
C ALA A 43 -23.58 17.31 8.35
N GLU A 44 -22.61 17.75 9.16
CA GLU A 44 -22.60 19.13 9.57
C GLU A 44 -21.77 19.92 8.59
N PRO A 45 -22.31 21.08 8.17
CA PRO A 45 -21.60 21.92 7.23
C PRO A 45 -20.27 22.42 7.79
N HIS A 46 -19.29 22.47 6.91
CA HIS A 46 -17.96 22.95 7.22
C HIS A 46 -17.92 24.41 6.79
N PRO A 47 -17.22 25.25 7.54
CA PRO A 47 -17.23 26.69 7.23
C PRO A 47 -16.72 27.08 5.85
N LYS A 48 -15.78 26.31 5.32
CA LYS A 48 -15.09 26.65 4.09
C LYS A 48 -15.36 25.71 2.89
N LEU A 49 -15.47 24.40 3.16
CA LEU A 49 -15.84 23.44 2.13
C LEU A 49 -17.33 23.43 1.91
N PRO A 50 -17.77 23.51 0.65
CA PRO A 50 -19.19 23.53 0.37
C PRO A 50 -19.81 22.16 0.52
N GLY A 51 -21.08 22.14 0.90
CA GLY A 51 -21.89 20.95 0.82
C GLY A 51 -21.93 20.07 2.04
N THR A 52 -23.02 19.32 2.13
CA THR A 52 -23.17 18.20 3.05
C THR A 52 -23.79 17.06 2.27
N ILE A 53 -23.85 15.87 2.89
CA ILE A 53 -24.53 14.76 2.25
C ILE A 53 -25.98 15.12 1.94
N TYR A 54 -26.62 15.97 2.76
CA TYR A 54 -28.04 16.34 2.55
C TYR A 54 -28.19 17.32 1.41
N THR A 55 -27.26 18.24 1.30
CA THR A 55 -27.27 19.18 0.19
C THR A 55 -27.02 18.46 -1.12
N ALA A 56 -26.05 17.56 -1.07
CA ALA A 56 -25.68 16.72 -2.21
C ALA A 56 -26.86 15.84 -2.60
N ALA A 57 -27.60 15.34 -1.60
CA ALA A 57 -28.78 14.53 -1.85
C ALA A 57 -29.83 15.34 -2.66
N LYS A 58 -30.09 16.61 -2.28
CA LYS A 58 -31.08 17.43 -3.01
C LYS A 58 -30.68 17.56 -4.47
N GLU A 59 -29.41 17.89 -4.71
CA GLU A 59 -28.87 17.97 -6.08
C GLU A 59 -28.99 16.69 -6.90
N ILE A 60 -28.85 15.54 -6.25
CA ILE A 60 -29.00 14.24 -6.90
C ILE A 60 -30.44 14.04 -7.37
N GLU A 61 -31.37 14.42 -6.51
CA GLU A 61 -32.80 14.33 -6.85
C GLU A 61 -33.15 15.31 -7.94
N GLU A 62 -32.62 16.53 -7.83
CA GLU A 62 -32.83 17.55 -8.86
C GLU A 62 -32.22 17.13 -10.21
N ALA A 63 -31.18 16.31 -10.19
CA ALA A 63 -30.57 15.84 -11.44
C ALA A 63 -31.38 14.75 -12.13
N GLY A 64 -32.28 14.09 -11.38
CA GLY A 64 -33.18 13.04 -11.89
C GLY A 64 -33.21 11.70 -11.15
N GLY A 65 -32.36 11.52 -10.15
CA GLY A 65 -32.27 10.25 -9.45
C GLY A 65 -32.87 10.27 -8.06
N GLN A 66 -32.65 9.17 -7.35
CA GLN A 66 -33.09 9.06 -5.96
CA GLN A 66 -33.10 9.03 -5.98
C GLN A 66 -31.83 9.04 -5.13
N ALA A 67 -31.86 9.72 -3.98
CA ALA A 67 -30.68 9.85 -3.14
C ALA A 67 -30.91 9.21 -1.77
N LEU A 68 -29.86 8.62 -1.22
CA LEU A 68 -29.87 8.13 0.17
C LEU A 68 -28.59 8.62 0.89
N PRO A 69 -28.70 9.73 1.63
CA PRO A 69 -27.53 10.26 2.31
C PRO A 69 -27.32 9.54 3.64
N ILE A 70 -26.09 9.13 3.96
CA ILE A 70 -25.85 8.32 5.15
C ILE A 70 -24.67 8.84 5.96
N VAL A 71 -24.89 9.09 7.23
CA VAL A 71 -23.80 9.41 8.16
C VAL A 71 -23.06 8.13 8.50
N GLY A 72 -21.80 8.06 8.09
CA GLY A 72 -20.94 6.91 8.41
C GLY A 72 -19.45 7.18 8.27
N ASP A 73 -18.70 6.90 9.33
CA ASP A 73 -17.26 7.00 9.30
C ASP A 73 -16.65 5.79 8.58
N ILE A 74 -16.04 6.05 7.41
CA ILE A 74 -15.44 5.02 6.57
C ILE A 74 -14.31 4.26 7.27
N ARG A 75 -13.69 4.92 8.26
CA ARG A 75 -12.68 4.29 9.11
C ARG A 75 -13.27 3.37 10.17
N ASP A 76 -14.60 3.33 10.28
CA ASP A 76 -15.28 2.46 11.23
C ASP A 76 -15.94 1.33 10.45
N GLY A 77 -15.42 0.11 10.59
CA GLY A 77 -15.95 -1.04 9.83
C GLY A 77 -17.45 -1.30 9.95
N ASP A 78 -17.96 -1.15 11.16
CA ASP A 78 -19.38 -1.38 11.43
C ASP A 78 -20.23 -0.29 10.81
N ALA A 79 -19.69 0.92 10.74
CA ALA A 79 -20.41 2.04 10.12
C ALA A 79 -20.52 1.78 8.64
N VAL A 80 -19.46 1.24 8.05
CA VAL A 80 -19.44 0.91 6.62
C VAL A 80 -20.46 -0.20 6.32
N ALA A 81 -20.38 -1.28 7.09
CA ALA A 81 -21.37 -2.37 7.04
C ALA A 81 -22.80 -1.86 7.14
N ALA A 82 -23.06 -0.99 8.09
CA ALA A 82 -24.44 -0.47 8.30
C ALA A 82 -24.84 0.44 7.13
N ALA A 83 -23.90 1.22 6.62
CA ALA A 83 -24.23 2.07 5.48
C ALA A 83 -24.63 1.22 4.27
N VAL A 84 -23.91 0.13 4.01
CA VAL A 84 -24.23 -0.74 2.88
C VAL A 84 -25.57 -1.45 3.09
N ALA A 85 -25.84 -1.91 4.32
CA ALA A 85 -27.09 -2.63 4.67
C ALA A 85 -28.28 -1.74 4.42
N LYS A 86 -28.21 -0.52 4.93
CA LYS A 86 -29.26 0.46 4.71
C LYS A 86 -29.46 0.68 3.20
N THR A 87 -28.39 0.67 2.42
CA THR A 87 -28.50 0.94 0.98
C THR A 87 -29.27 -0.18 0.30
N VAL A 88 -28.97 -1.40 0.72
CA VAL A 88 -29.64 -2.60 0.24
C VAL A 88 -31.12 -2.71 0.69
N GLU A 89 -31.41 -2.41 1.95
CA GLU A 89 -32.81 -2.42 2.43
C GLU A 89 -33.62 -1.41 1.60
N GLN A 90 -32.97 -0.31 1.25
CA GLN A 90 -33.65 0.80 0.60
C GLN A 90 -33.83 0.53 -0.89
N PHE A 91 -32.74 0.15 -1.58
CA PHE A 91 -32.77 0.03 -3.06
C PHE A 91 -32.67 -1.38 -3.60
N GLY A 92 -32.23 -2.32 -2.77
CA GLY A 92 -32.31 -3.74 -3.10
C GLY A 92 -31.08 -4.46 -3.63
N GLY A 93 -30.00 -3.73 -3.92
CA GLY A 93 -28.88 -4.36 -4.63
C GLY A 93 -27.93 -3.26 -5.06
N ILE A 94 -26.67 -3.59 -5.34
CA ILE A 94 -25.69 -2.57 -5.69
C ILE A 94 -25.03 -2.88 -7.02
N ASP A 95 -25.23 -2.02 -7.99
CA ASP A 95 -24.59 -2.15 -9.30
C ASP A 95 -23.21 -1.51 -9.45
N ILE A 96 -22.98 -0.44 -8.66
CA ILE A 96 -21.82 0.41 -8.81
C ILE A 96 -21.29 0.81 -7.42
N CYS A 97 -19.98 0.59 -7.23
CA CYS A 97 -19.31 1.05 -6.04
C CYS A 97 -18.22 2.02 -6.48
N VAL A 98 -18.31 3.28 -6.05
CA VAL A 98 -17.28 4.27 -6.32
C VAL A 98 -16.56 4.67 -5.04
N ASN A 99 -15.25 4.41 -5.02
CA ASN A 99 -14.38 4.75 -3.91
C ASN A 99 -13.73 6.10 -4.16
N ASN A 100 -14.28 7.13 -3.55
CA ASN A 100 -13.72 8.47 -3.72
C ASN A 100 -13.29 9.17 -2.45
N ALA A 101 -13.72 8.71 -1.28
CA ALA A 101 -13.27 9.32 -0.02
C ALA A 101 -11.74 9.41 -0.07
N SER A 102 -11.21 10.57 0.26
CA SER A 102 -9.80 10.79 0.06
C SER A 102 -9.23 11.68 1.12
N ALA A 103 -7.92 11.82 1.12
CA ALA A 103 -7.25 12.60 2.14
C ALA A 103 -5.87 12.86 1.63
N ILE A 104 -5.34 14.03 1.94
CA ILE A 104 -4.12 14.49 1.34
C ILE A 104 -3.23 15.28 2.32
N ASN A 105 -1.93 15.08 2.15
CA ASN A 105 -0.86 15.82 2.82
C ASN A 105 0.33 15.49 1.94
N LEU A 106 1.03 16.49 1.44
CA LEU A 106 2.18 16.29 0.55
C LEU A 106 3.53 16.34 1.26
N GLY A 107 3.55 16.25 2.58
CA GLY A 107 4.84 16.18 3.26
C GLY A 107 5.54 14.83 3.15
N SER A 108 6.81 14.83 3.53
CA SER A 108 7.63 13.65 3.53
C SER A 108 7.42 12.83 4.78
N ILE A 109 8.08 11.68 4.84
CA ILE A 109 8.05 10.83 6.02
C ILE A 109 8.57 11.61 7.21
N GLU A 110 9.46 12.59 6.98
CA GLU A 110 9.97 13.42 8.07
C GLU A 110 8.96 14.42 8.62
N GLU A 111 7.93 14.72 7.84
CA GLU A 111 7.03 15.85 8.11
C GLU A 111 5.59 15.41 8.47
N VAL A 112 5.20 14.19 8.08
CA VAL A 112 3.85 13.68 8.28
C VAL A 112 3.80 12.69 9.46
N PRO A 113 3.32 13.15 10.62
CA PRO A 113 3.27 12.25 11.76
C PRO A 113 2.31 11.09 11.56
N LEU A 114 2.50 10.07 12.39
CA LEU A 114 1.75 8.83 12.30
C LEU A 114 0.25 9.09 12.29
N LYS A 115 -0.22 9.92 13.20
CA LYS A 115 -1.64 10.26 13.28
C LYS A 115 -2.18 10.76 11.93
N ARG A 116 -1.38 11.55 11.22
CA ARG A 116 -1.77 12.04 9.92
C ARG A 116 -1.73 10.93 8.87
N PHE A 117 -0.68 10.12 8.94
CA PHE A 117 -0.53 8.96 8.08
C PHE A 117 -1.77 8.06 8.18
N ASP A 118 -2.18 7.78 9.41
CA ASP A 118 -3.39 7.02 9.69
C ASP A 118 -4.62 7.58 9.00
N LEU A 119 -4.74 8.88 8.92
CA LEU A 119 -5.91 9.45 8.29
C LEU A 119 -5.90 9.07 6.82
N MET A 120 -4.74 9.18 6.18
CA MET A 120 -4.66 8.86 4.75
C MET A 120 -4.77 7.33 4.50
N ASN A 121 -4.09 6.55 5.33
CA ASN A 121 -4.12 5.11 5.21
C ASN A 121 -5.53 4.60 5.49
N GLY A 122 -6.11 5.11 6.58
CA GLY A 122 -7.42 4.70 7.05
C GLY A 122 -8.49 4.96 6.02
N ILE A 123 -8.54 6.17 5.50
CA ILE A 123 -9.63 6.56 4.63
C ILE A 123 -9.47 5.92 3.29
N GLN A 124 -8.24 5.86 2.82
CA GLN A 124 -8.03 5.52 1.44
C GLN A 124 -7.73 4.06 1.19
N VAL A 125 -6.83 3.48 1.96
CA VAL A 125 -6.38 2.11 1.72
C VAL A 125 -7.32 1.19 2.46
N ARG A 126 -7.37 1.34 3.77
CA ARG A 126 -8.31 0.61 4.57
C ARG A 126 -9.79 0.87 4.16
N GLY A 127 -10.10 2.13 3.86
CA GLY A 127 -11.45 2.49 3.49
C GLY A 127 -11.89 1.84 2.20
N THR A 128 -11.06 1.90 1.18
CA THR A 128 -11.38 1.32 -0.10
C THR A 128 -11.56 -0.19 0.05
N TYR A 129 -10.72 -0.78 0.88
CA TYR A 129 -10.88 -2.18 1.20
C TYR A 129 -12.23 -2.47 1.85
N ALA A 130 -12.54 -1.74 2.93
CA ALA A 130 -13.79 -1.96 3.67
C ALA A 130 -15.06 -1.74 2.83
N VAL A 131 -15.09 -0.63 2.10
CA VAL A 131 -16.26 -0.28 1.31
C VAL A 131 -16.41 -1.32 0.23
N SER A 132 -15.32 -1.62 -0.46
CA SER A 132 -15.41 -2.58 -1.55
C SER A 132 -15.83 -3.94 -1.03
N GLN A 133 -15.23 -4.37 0.07
CA GLN A 133 -15.52 -5.68 0.65
C GLN A 133 -17.01 -5.79 0.98
N SER A 134 -17.54 -4.73 1.57
CA SER A 134 -18.92 -4.79 2.02
C SER A 134 -19.92 -4.73 0.86
N CYS A 135 -19.65 -3.90 -0.14
CA CYS A 135 -20.52 -3.83 -1.33
C CYS A 135 -20.57 -5.13 -2.13
N ILE A 136 -19.42 -5.79 -2.29
CA ILE A 136 -19.26 -6.94 -3.20
C ILE A 136 -20.33 -8.06 -3.16
N PRO A 137 -20.74 -8.54 -1.98
CA PRO A 137 -21.79 -9.57 -2.01
C PRO A 137 -23.09 -9.14 -2.65
N HIS A 138 -23.38 -7.85 -2.62
CA HIS A 138 -24.64 -7.32 -3.11
C HIS A 138 -24.53 -6.89 -4.56
N MET A 139 -23.40 -7.18 -5.20
CA MET A 139 -23.17 -6.83 -6.59
C MET A 139 -23.07 -8.08 -7.48
N LYS A 140 -22.97 -9.24 -6.85
CA LYS A 140 -22.91 -10.51 -7.55
C LYS A 140 -24.04 -10.91 -8.49
C LYS A 140 -24.27 -10.73 -8.21
N GLY A 141 -25.26 -10.45 -8.26
N GLY A 141 -24.28 -11.07 -9.51
CA GLY A 141 -26.34 -10.88 -9.15
CA GLY A 141 -25.55 -11.36 -10.21
C GLY A 141 -26.49 -10.08 -10.44
C GLY A 141 -26.38 -10.15 -10.61
N ARG A 142 -25.82 -8.94 -10.52
CA ARG A 142 -26.36 -7.80 -11.24
C ARG A 142 -25.92 -7.82 -12.71
N ASP A 143 -26.54 -6.95 -13.51
CA ASP A 143 -26.38 -7.05 -14.96
C ASP A 143 -24.93 -6.76 -15.33
N ASN A 144 -24.36 -5.71 -14.72
CA ASN A 144 -23.09 -5.17 -15.17
C ASN A 144 -22.28 -4.45 -14.06
N PRO A 145 -22.00 -5.17 -12.98
CA PRO A 145 -21.44 -4.51 -11.79
C PRO A 145 -20.03 -3.97 -12.00
N HIS A 146 -19.79 -2.74 -11.55
CA HIS A 146 -18.49 -2.10 -11.58
C HIS A 146 -18.09 -1.54 -10.22
N ILE A 147 -16.83 -1.71 -9.86
CA ILE A 147 -16.23 -0.97 -8.78
C ILE A 147 -15.27 0.01 -9.46
N LEU A 148 -15.34 1.28 -9.07
CA LEU A 148 -14.50 2.32 -9.67
C LEU A 148 -13.83 3.10 -8.56
N THR A 149 -12.50 3.14 -8.62
CA THR A 149 -11.69 3.64 -7.52
C THR A 149 -10.85 4.79 -8.04
N LEU A 150 -10.94 5.95 -7.39
CA LEU A 150 -10.36 7.19 -7.91
C LEU A 150 -8.95 7.36 -7.41
N SER A 151 -8.00 6.89 -8.23
CA SER A 151 -6.62 6.70 -7.80
C SER A 151 -5.78 6.44 -9.04
N PRO A 152 -4.44 6.61 -8.92
CA PRO A 152 -3.59 6.73 -10.09
C PRO A 152 -2.99 5.43 -10.54
N PRO A 153 -2.52 5.38 -11.80
CA PRO A 153 -1.65 4.28 -12.24
C PRO A 153 -0.46 4.20 -11.32
N ILE A 154 0.07 2.98 -11.14
CA ILE A 154 1.24 2.75 -10.32
C ILE A 154 2.47 3.03 -11.18
N ARG A 155 3.22 4.05 -10.81
CA ARG A 155 4.43 4.40 -11.50
C ARG A 155 5.63 4.26 -10.57
N LEU A 156 6.61 3.47 -11.00
CA LEU A 156 7.70 3.02 -10.14
C LEU A 156 9.01 3.76 -10.31
N GLU A 157 9.08 4.62 -11.33
CA GLU A 157 10.25 5.48 -11.51
C GLU A 157 10.41 6.37 -10.27
N PRO A 158 11.63 6.48 -9.76
CA PRO A 158 11.98 7.27 -8.58
C PRO A 158 11.22 8.57 -8.39
N LYS A 159 11.06 9.34 -9.46
CA LYS A 159 10.45 10.65 -9.32
C LYS A 159 8.98 10.62 -8.93
N TRP A 160 8.32 9.47 -9.09
CA TRP A 160 6.91 9.32 -8.74
C TRP A 160 6.69 8.80 -7.33
N LEU A 161 7.76 8.36 -6.68
CA LEU A 161 7.66 7.69 -5.41
C LEU A 161 7.69 8.68 -4.25
N ARG A 162 7.38 9.93 -4.52
CA ARG A 162 7.16 10.85 -3.44
C ARG A 162 6.03 11.84 -3.68
N PRO A 163 5.51 12.47 -2.61
CA PRO A 163 5.86 12.28 -1.21
C PRO A 163 5.34 10.93 -0.71
N THR A 164 6.15 10.27 0.08
CA THR A 164 5.92 8.90 0.47
C THR A 164 4.56 8.65 1.10
N PRO A 165 4.19 9.40 2.13
CA PRO A 165 2.95 9.03 2.76
C PRO A 165 1.76 9.00 1.85
N TYR A 166 1.61 10.04 1.04
CA TYR A 166 0.47 10.17 0.15
C TYR A 166 0.52 9.16 -1.00
N MET A 167 1.72 8.96 -1.55
CA MET A 167 1.94 7.96 -2.58
C MET A 167 1.57 6.57 -2.05
N MET A 168 1.92 6.24 -0.81
CA MET A 168 1.54 4.95 -0.24
C MET A 168 0.04 4.78 -0.24
N ALA A 169 -0.66 5.86 0.05
CA ALA A 169 -2.09 5.79 0.26
C ALA A 169 -2.77 5.66 -1.09
N LYS A 170 -2.40 6.53 -2.02
CA LYS A 170 -3.04 6.52 -3.31
C LYS A 170 -2.71 5.24 -4.07
N TYR A 171 -1.44 4.80 -4.02
CA TYR A 171 -1.01 3.55 -4.65
C TYR A 171 -1.67 2.35 -3.94
N GLY A 172 -1.78 2.39 -2.63
CA GLY A 172 -2.46 1.30 -1.93
C GLY A 172 -3.91 1.17 -2.40
N MET A 173 -4.55 2.32 -2.57
CA MET A 173 -5.88 2.40 -3.14
C MET A 173 -5.93 1.69 -4.49
N THR A 174 -4.98 1.98 -5.36
CA THR A 174 -4.97 1.36 -6.67
C THR A 174 -4.69 -0.15 -6.56
N LEU A 175 -3.76 -0.55 -5.69
CA LEU A 175 -3.44 -1.98 -5.59
C LEU A 175 -4.67 -2.77 -5.16
N CYS A 176 -5.47 -2.20 -4.24
CA CYS A 176 -6.72 -2.79 -3.78
C CYS A 176 -7.68 -2.98 -4.97
N ALA A 177 -7.88 -1.91 -5.74
CA ALA A 177 -8.74 -1.97 -6.89
C ALA A 177 -8.26 -3.07 -7.86
N LEU A 178 -6.96 -3.17 -8.06
CA LEU A 178 -6.39 -4.11 -9.02
C LEU A 178 -6.45 -5.56 -8.53
N GLY A 179 -6.25 -5.75 -7.23
CA GLY A 179 -6.43 -7.06 -6.61
C GLY A 179 -7.87 -7.56 -6.68
N ILE A 180 -8.80 -6.72 -6.23
CA ILE A 180 -10.20 -7.00 -6.41
C ILE A 180 -10.48 -7.43 -7.87
N ALA A 181 -9.91 -6.73 -8.84
CA ALA A 181 -10.16 -7.09 -10.25
C ALA A 181 -9.88 -8.57 -10.48
N GLU A 182 -8.76 -9.06 -9.98
CA GLU A 182 -8.41 -10.45 -10.19
C GLU A 182 -9.27 -11.35 -9.35
N GLU A 183 -9.50 -10.96 -8.12
CA GLU A 183 -10.19 -11.88 -7.22
C GLU A 183 -11.67 -11.98 -7.59
N LEU A 184 -12.22 -10.92 -8.16
CA LEU A 184 -13.64 -10.92 -8.41
C LEU A 184 -13.95 -11.17 -9.89
N ARG A 185 -12.94 -11.52 -10.67
CA ARG A 185 -13.12 -11.71 -12.11
C ARG A 185 -14.14 -12.82 -12.43
N ASP A 186 -14.03 -13.96 -11.76
CA ASP A 186 -15.00 -15.06 -11.94
C ASP A 186 -16.44 -14.64 -11.66
N ALA A 187 -16.62 -13.67 -10.75
CA ALA A 187 -17.94 -13.28 -10.24
C ALA A 187 -18.91 -12.42 -11.10
N GLY A 188 -18.55 -11.80 -12.21
CA GLY A 188 -17.36 -11.08 -12.51
C GLY A 188 -17.81 -9.62 -12.28
N ILE A 189 -17.26 -9.05 -11.21
CA ILE A 189 -17.47 -7.66 -10.85
C ILE A 189 -16.24 -6.95 -11.40
N ALA A 190 -16.43 -5.94 -12.23
CA ALA A 190 -15.27 -5.18 -12.73
C ALA A 190 -14.70 -4.32 -11.59
N SER A 191 -13.37 -4.15 -11.60
CA SER A 191 -12.68 -3.17 -10.73
C SER A 191 -11.64 -2.43 -11.54
N ASN A 192 -11.81 -1.12 -11.64
CA ASN A 192 -10.87 -0.26 -12.37
C ASN A 192 -10.53 1.00 -11.55
N THR A 193 -9.42 1.66 -11.90
CA THR A 193 -9.11 2.95 -11.33
C THR A 193 -9.19 4.05 -12.38
N LEU A 194 -9.44 5.28 -11.95
CA LEU A 194 -9.59 6.36 -12.88
C LEU A 194 -8.97 7.64 -12.28
N TRP A 195 -8.18 8.33 -13.10
CA TRP A 195 -7.40 9.45 -12.63
C TRP A 195 -7.37 10.56 -13.69
N PRO A 196 -7.42 11.81 -13.28
CA PRO A 196 -7.45 12.86 -14.27
C PRO A 196 -6.05 13.32 -14.64
N ARG A 197 -5.87 13.73 -15.89
CA ARG A 197 -4.52 14.10 -16.32
C ARG A 197 -4.07 15.44 -15.74
N THR A 198 -5.03 16.33 -15.47
CA THR A 198 -4.71 17.67 -14.98
C THR A 198 -5.26 17.77 -13.57
N THR A 199 -5.03 18.89 -12.89
CA THR A 199 -5.70 19.16 -11.62
C THR A 199 -7.13 19.53 -11.95
N VAL A 200 -8.05 19.18 -11.07
CA VAL A 200 -9.44 19.47 -11.27
C VAL A 200 -9.86 20.56 -10.28
N ALA A 201 -10.30 21.70 -10.80
CA ALA A 201 -10.68 22.84 -9.95
C ALA A 201 -12.11 22.72 -9.52
N THR A 202 -12.36 22.67 -8.23
CA THR A 202 -13.72 22.49 -7.72
C THR A 202 -14.15 23.69 -6.91
N ALA A 203 -15.41 23.74 -6.54
CA ALA A 203 -15.91 24.90 -5.77
C ALA A 203 -15.06 25.12 -4.51
N ALA A 204 -14.69 24.04 -3.85
CA ALA A 204 -13.90 24.13 -2.64
C ALA A 204 -12.63 24.95 -2.83
N VAL A 205 -11.98 24.78 -3.97
CA VAL A 205 -10.76 25.53 -4.30
C VAL A 205 -11.05 27.03 -4.35
N GLN A 206 -12.10 27.44 -5.03
CA GLN A 206 -12.43 28.90 -5.12
C GLN A 206 -12.72 29.43 -3.71
N ASN A 207 -13.49 28.66 -2.95
CA ASN A 207 -13.82 29.05 -1.58
C ASN A 207 -12.56 29.33 -0.74
N LEU A 208 -11.56 28.47 -0.83
CA LEU A 208 -10.36 28.62 -0.01
C LEU A 208 -9.43 29.74 -0.47
N LEU A 209 -9.49 30.09 -1.76
CA LEU A 209 -8.80 31.28 -2.30
C LEU A 209 -9.53 32.58 -1.95
N GLY A 210 -10.83 32.50 -1.74
CA GLY A 210 -11.62 33.66 -1.32
C GLY A 210 -12.22 34.48 -2.46
N GLY A 211 -11.98 34.04 -3.69
CA GLY A 211 -12.52 34.71 -4.87
C GLY A 211 -13.05 33.67 -5.84
N ASP A 212 -14.07 34.03 -6.60
CA ASP A 212 -14.50 33.22 -7.74
C ASP A 212 -13.64 33.74 -8.91
N GLU A 213 -12.47 33.08 -9.11
CA GLU A 213 -11.54 33.40 -10.18
C GLU A 213 -11.04 32.10 -10.83
N ALA A 214 -11.41 31.90 -12.09
CA ALA A 214 -11.17 30.68 -12.85
C ALA A 214 -9.68 30.30 -12.97
N MET A 215 -9.48 28.99 -13.10
CA MET A 215 -8.20 28.33 -12.84
C MET A 215 -7.64 27.80 -14.15
N ALA A 216 -6.78 28.61 -14.77
CA ALA A 216 -6.42 28.45 -16.16
C ALA A 216 -5.71 27.14 -16.44
N ARG A 217 -5.03 26.61 -15.43
CA ARG A 217 -4.27 25.38 -15.60
C ARG A 217 -5.05 24.09 -15.31
N SER A 218 -6.34 24.25 -14.97
CA SER A 218 -7.15 23.15 -14.48
C SER A 218 -8.32 22.80 -15.38
N ARG A 219 -8.88 21.61 -15.16
CA ARG A 219 -10.13 21.23 -15.78
C ARG A 219 -11.31 21.14 -14.80
N LYS A 220 -12.52 21.17 -15.38
CA LYS A 220 -13.76 21.06 -14.64
C LYS A 220 -13.97 19.61 -14.19
N PRO A 221 -14.76 19.41 -13.14
CA PRO A 221 -14.95 18.06 -12.63
C PRO A 221 -15.77 17.17 -13.55
N GLU A 222 -16.46 17.77 -14.51
CA GLU A 222 -17.15 17.02 -15.55
C GLU A 222 -16.22 16.06 -16.28
N VAL A 223 -14.94 16.38 -16.43
CA VAL A 223 -14.02 15.46 -17.11
C VAL A 223 -13.94 14.15 -16.33
N TYR A 224 -14.16 14.24 -15.01
CA TYR A 224 -14.11 13.09 -14.14
C TYR A 224 -15.44 12.38 -14.24
N ALA A 225 -16.52 13.15 -14.13
CA ALA A 225 -17.86 12.60 -14.13
C ALA A 225 -18.15 11.86 -15.44
N ASP A 226 -17.84 12.50 -16.57
CA ASP A 226 -18.12 11.94 -17.89
C ASP A 226 -17.28 10.71 -18.17
N ALA A 227 -16.00 10.75 -17.80
CA ALA A 227 -15.11 9.60 -17.97
C ALA A 227 -15.59 8.46 -17.09
N ALA A 228 -16.07 8.76 -15.90
CA ALA A 228 -16.60 7.70 -15.04
C ALA A 228 -17.79 7.03 -15.70
N TYR A 229 -18.68 7.86 -16.26
CA TYR A 229 -19.87 7.37 -16.92
C TYR A 229 -19.50 6.44 -18.07
N VAL A 230 -18.47 6.79 -18.84
CA VAL A 230 -18.06 5.88 -19.91
C VAL A 230 -17.60 4.53 -19.35
N VAL A 231 -16.71 4.54 -18.36
CA VAL A 231 -16.21 3.31 -17.79
C VAL A 231 -17.31 2.48 -17.20
N LEU A 232 -18.27 3.12 -16.55
CA LEU A 232 -19.32 2.40 -15.80
C LEU A 232 -20.34 1.74 -16.73
N ASN A 233 -20.34 2.12 -18.01
CA ASN A 233 -21.21 1.50 -19.03
C ASN A 233 -20.49 0.48 -19.89
N LYS A 234 -19.19 0.28 -19.65
CA LYS A 234 -18.49 -0.78 -20.34
C LYS A 234 -18.88 -2.10 -19.72
N PRO A 235 -18.71 -3.19 -20.46
CA PRO A 235 -19.04 -4.49 -19.86
C PRO A 235 -18.14 -4.80 -18.69
N SER A 236 -18.66 -5.55 -17.73
CA SER A 236 -17.92 -6.01 -16.58
C SER A 236 -16.61 -6.79 -16.89
N SER A 237 -16.43 -7.21 -18.14
CA SER A 237 -15.18 -7.83 -18.56
C SER A 237 -14.01 -6.85 -18.58
N TYR A 238 -14.32 -5.55 -18.67
CA TYR A 238 -13.33 -4.48 -18.67
C TYR A 238 -12.96 -4.16 -17.22
N THR A 239 -11.83 -4.71 -16.79
CA THR A 239 -11.48 -4.73 -15.41
C THR A 239 -9.97 -4.77 -15.27
N GLY A 240 -9.46 -4.31 -14.14
CA GLY A 240 -8.03 -4.37 -13.90
C GLY A 240 -7.23 -3.31 -14.65
N ASN A 241 -7.90 -2.20 -15.01
CA ASN A 241 -7.25 -1.12 -15.72
C ASN A 241 -7.02 0.08 -14.82
N THR A 242 -5.88 0.72 -14.99
CA THR A 242 -5.62 2.00 -14.30
C THR A 242 -5.74 3.10 -15.33
N LEU A 243 -6.92 3.70 -15.37
CA LEU A 243 -7.35 4.60 -16.45
C LEU A 243 -7.09 6.08 -16.19
N LEU A 244 -7.06 6.87 -17.27
CA LEU A 244 -6.94 8.33 -17.19
C LEU A 244 -8.16 8.96 -17.85
N CYS A 245 -8.75 9.97 -17.24
CA CYS A 245 -10.04 10.47 -17.71
C CYS A 245 -10.06 10.79 -19.20
N GLU A 246 -9.13 11.64 -19.58
CA GLU A 246 -9.09 12.18 -20.92
C GLU A 246 -8.89 11.09 -21.96
N ASP A 247 -8.11 10.07 -21.64
CA ASP A 247 -7.86 8.98 -22.59
C ASP A 247 -9.12 8.16 -22.78
N VAL A 248 -9.83 7.90 -21.69
CA VAL A 248 -11.07 7.17 -21.75
C VAL A 248 -12.02 7.91 -22.66
N LEU A 249 -12.02 9.24 -22.56
CA LEU A 249 -12.96 10.06 -23.30
C LEU A 249 -12.66 10.08 -24.79
N LEU A 250 -11.39 10.23 -25.16
CA LEU A 250 -11.03 10.14 -26.58
C LEU A 250 -11.41 8.77 -27.16
N GLU A 251 -11.11 7.69 -26.42
CA GLU A 251 -11.46 6.31 -26.85
C GLU A 251 -12.97 6.18 -27.14
N SER A 252 -13.81 6.82 -26.32
CA SER A 252 -15.26 6.77 -26.49
C SER A 252 -15.80 7.60 -27.67
N GLY A 253 -14.99 8.50 -28.23
CA GLY A 253 -15.39 9.30 -29.39
C GLY A 253 -15.32 10.82 -29.26
N VAL A 254 -15.01 11.31 -28.07
CA VAL A 254 -14.90 12.75 -27.83
C VAL A 254 -13.69 13.23 -28.64
N THR A 255 -13.85 14.35 -29.32
CA THR A 255 -12.73 14.91 -30.09
C THR A 255 -12.34 16.29 -29.59
N ASP A 256 -13.17 16.89 -28.73
CA ASP A 256 -12.90 18.22 -28.23
C ASP A 256 -12.87 18.17 -26.70
N LEU A 257 -11.67 18.17 -26.14
CA LEU A 257 -11.50 18.13 -24.70
C LEU A 257 -11.57 19.53 -24.07
N SER A 258 -11.52 20.60 -24.88
CA SER A 258 -11.53 21.99 -24.37
C SER A 258 -12.78 22.37 -23.56
N VAL A 259 -13.88 21.62 -23.78
CA VAL A 259 -15.12 21.79 -23.04
C VAL A 259 -14.98 21.47 -21.56
N TYR A 260 -13.89 20.79 -21.20
CA TYR A 260 -13.56 20.46 -19.81
C TYR A 260 -12.59 21.45 -19.24
N ASP A 261 -11.99 22.29 -20.09
CA ASP A 261 -11.04 23.28 -19.61
C ASP A 261 -11.78 24.41 -18.87
N CYS A 262 -11.24 24.79 -17.73
CA CYS A 262 -11.77 25.92 -16.99
C CYS A 262 -11.62 27.15 -17.84
N VAL A 263 -10.49 27.25 -18.55
CA VAL A 263 -10.25 28.35 -19.49
C VAL A 263 -9.68 27.80 -20.78
N PRO A 264 -10.54 27.57 -21.78
CA PRO A 264 -10.07 27.11 -23.10
C PRO A 264 -8.93 27.96 -23.68
N GLY A 265 -7.92 27.31 -24.24
CA GLY A 265 -6.78 27.97 -24.88
C GLY A 265 -5.61 28.27 -23.97
N SER A 266 -5.66 27.78 -22.72
CA SER A 266 -4.55 27.92 -21.78
C SER A 266 -3.57 26.77 -21.87
N GLU A 267 -2.35 27.01 -21.43
CA GLU A 267 -1.39 25.92 -21.16
C GLU A 267 -1.85 25.25 -19.84
N LEU A 268 -2.28 23.99 -19.95
CA LEU A 268 -2.78 23.21 -18.82
C LEU A 268 -1.64 22.66 -17.97
N GLY A 269 -1.87 22.56 -16.66
CA GLY A 269 -0.94 21.86 -15.76
C GLY A 269 -1.22 20.35 -15.76
N VAL A 270 -0.35 19.59 -15.08
CA VAL A 270 -0.48 18.14 -14.96
C VAL A 270 -0.78 17.71 -13.55
N ASP A 271 -1.50 16.61 -13.43
CA ASP A 271 -1.85 15.99 -12.15
C ASP A 271 -0.58 15.28 -11.64
N LEU A 272 -0.56 14.95 -10.36
CA LEU A 272 0.45 14.02 -9.87
C LEU A 272 0.36 12.72 -10.65
N TRP A 273 1.51 12.08 -10.84
CA TRP A 273 1.58 10.80 -11.55
C TRP A 273 1.22 10.81 -13.02
N VAL A 274 1.19 12.00 -13.62
CA VAL A 274 0.96 12.16 -15.05
C VAL A 274 2.02 13.08 -15.70
N ASP A 275 2.50 12.69 -16.89
CA ASP A 275 3.48 13.48 -17.68
C ASP A 275 2.91 14.65 -18.49
N SER A 276 1.70 14.44 -19.03
CA SER A 276 1.11 15.35 -20.02
C SER A 276 -0.35 15.64 -19.73
N PRO A 277 -0.78 16.88 -19.99
CA PRO A 277 -2.17 17.26 -19.73
C PRO A 277 -3.15 16.61 -20.68
N ASN A 278 -2.67 16.18 -21.84
CA ASN A 278 -3.50 15.54 -22.86
C ASN A 278 -3.00 14.18 -23.24
N PRO A 279 -3.89 13.33 -23.73
CA PRO A 279 -3.47 12.05 -24.26
C PRO A 279 -2.51 12.19 -25.44
N PRO A 280 -1.64 11.20 -25.65
CA PRO A 280 -0.70 11.20 -26.75
C PRO A 280 -1.35 11.51 -28.10
N GLY A 281 -0.71 12.38 -28.88
CA GLY A 281 -1.19 12.70 -30.22
C GLY A 281 -2.60 13.27 -30.27
N TYR A 282 -3.06 13.85 -29.15
CA TYR A 282 -4.29 14.63 -29.16
C TYR A 282 -3.96 15.92 -29.86
N THR A 283 -4.66 16.19 -30.96
CA THR A 283 -4.49 17.42 -31.73
C THR A 283 -5.80 18.21 -31.83
N GLY A 284 -6.69 18.00 -30.87
CA GLY A 284 -7.92 18.77 -30.76
C GLY A 284 -7.68 20.09 -30.06
N PRO A 285 -8.75 20.88 -29.85
CA PRO A 285 -8.58 22.23 -29.28
C PRO A 285 -8.38 22.22 -27.75
N MET B 5 35.28 -4.45 4.69
CA MET B 5 34.17 -3.83 5.53
C MET B 5 33.51 -4.85 6.51
N SER B 6 32.81 -4.28 7.49
CA SER B 6 32.52 -4.92 8.78
C SER B 6 31.51 -4.04 9.53
N LEU B 7 30.63 -4.66 10.31
CA LEU B 7 29.63 -3.93 11.08
C LEU B 7 30.04 -3.80 12.55
N ARG B 8 31.34 -3.82 12.78
CA ARG B 8 31.89 -3.77 14.13
C ARG B 8 31.52 -2.42 14.74
N GLY B 9 30.98 -2.46 15.96
CA GLY B 9 30.61 -1.23 16.67
C GLY B 9 29.37 -0.52 16.15
N LYS B 10 28.69 -1.13 15.19
CA LYS B 10 27.51 -0.52 14.61
C LYS B 10 26.27 -0.99 15.37
N THR B 11 25.20 -0.19 15.29
CA THR B 11 23.97 -0.47 16.00
C THR B 11 22.82 -0.74 15.06
N MET B 12 22.14 -1.87 15.25
CA MET B 12 20.93 -2.22 14.51
C MET B 12 19.64 -2.17 15.34
N PHE B 13 18.59 -1.59 14.76
CA PHE B 13 17.24 -1.68 15.28
C PHE B 13 16.42 -2.60 14.37
N ILE B 14 15.88 -3.68 14.92
CA ILE B 14 15.15 -4.63 14.11
C ILE B 14 13.78 -4.93 14.71
N SER B 15 12.74 -4.79 13.88
CA SER B 15 11.40 -5.20 14.24
C SER B 15 11.32 -6.69 13.96
N GLY B 16 10.68 -7.36 14.92
N GLY B 16 10.81 -7.45 14.91
CA GLY B 16 10.77 -8.79 15.05
CA GLY B 16 10.65 -8.89 14.69
C GLY B 16 12.12 -9.10 15.67
C GLY B 16 11.92 -9.71 14.55
N GLY B 17 12.76 -10.10 15.09
N GLY B 17 12.77 -9.69 15.58
CA GLY B 17 14.09 -10.44 15.46
CA GLY B 17 14.05 -10.39 15.51
C GLY B 17 14.14 -11.63 16.36
N SER B 18 13.00 -12.08 16.86
CA SER B 18 12.96 -13.11 17.91
C SER B 18 13.07 -14.55 17.42
N ARG B 19 12.95 -14.78 16.13
CA ARG B 19 13.01 -16.15 15.58
C ARG B 19 13.27 -16.12 14.06
N GLY B 20 13.51 -17.29 13.49
CA GLY B 20 13.56 -17.42 12.04
C GLY B 20 14.48 -16.44 11.35
N ILE B 21 13.93 -15.78 10.33
CA ILE B 21 14.68 -14.87 9.42
C ILE B 21 15.27 -13.68 10.17
N GLY B 22 14.48 -13.05 11.01
CA GLY B 22 14.95 -11.92 11.80
C GLY B 22 16.07 -12.29 12.76
N LEU B 23 15.87 -13.38 13.48
CA LEU B 23 16.93 -13.88 14.31
C LEU B 23 18.18 -14.13 13.47
N ALA B 24 18.08 -14.77 12.32
CA ALA B 24 19.31 -15.07 11.56
C ALA B 24 20.03 -13.80 11.12
N ILE B 25 19.29 -12.75 10.81
CA ILE B 25 19.90 -11.47 10.41
C ILE B 25 20.57 -10.84 11.61
N ALA B 26 19.83 -10.76 12.71
CA ALA B 26 20.37 -10.30 13.98
C ALA B 26 21.66 -11.03 14.33
N LYS B 27 21.64 -12.35 14.27
CA LYS B 27 22.85 -13.13 14.60
C LYS B 27 24.02 -12.80 13.69
N ARG B 28 23.78 -12.69 12.39
CA ARG B 28 24.87 -12.40 11.47
C ARG B 28 25.51 -11.06 11.75
N VAL B 29 24.69 -10.07 12.02
CA VAL B 29 25.19 -8.73 12.31
C VAL B 29 25.91 -8.72 13.67
N ALA B 30 25.33 -9.39 14.65
CA ALA B 30 25.94 -9.55 15.95
C ALA B 30 27.33 -10.16 15.88
N ALA B 31 27.55 -11.08 14.93
CA ALA B 31 28.81 -11.84 14.87
C ALA B 31 30.03 -10.97 14.57
N ASP B 32 29.79 -9.80 13.98
CA ASP B 32 30.82 -8.79 13.76
C ASP B 32 31.08 -7.95 15.02
N GLY B 33 30.34 -8.18 16.10
CA GLY B 33 30.49 -7.36 17.31
C GLY B 33 29.60 -6.11 17.30
N ALA B 34 28.42 -6.26 16.72
CA ALA B 34 27.46 -5.15 16.58
C ALA B 34 26.51 -5.16 17.76
N ASN B 35 25.85 -4.01 17.97
CA ASN B 35 24.72 -3.92 18.88
C ASN B 35 23.41 -4.15 18.10
N VAL B 36 22.45 -4.83 18.74
CA VAL B 36 21.18 -5.10 18.13
C VAL B 36 20.05 -4.89 19.14
N ALA B 37 19.19 -3.92 18.89
CA ALA B 37 17.95 -3.77 19.67
C ALA B 37 16.85 -4.44 18.87
N LEU B 38 16.04 -5.23 19.56
CA LEU B 38 14.97 -5.99 18.91
C LEU B 38 13.69 -5.71 19.67
N VAL B 39 12.64 -5.39 18.92
CA VAL B 39 11.36 -5.03 19.52
C VAL B 39 10.29 -6.07 19.13
N ALA B 40 9.55 -6.59 20.11
CA ALA B 40 8.37 -7.45 19.87
C ALA B 40 7.20 -7.10 20.80
N LYS B 41 6.01 -7.54 20.45
CA LYS B 41 4.80 -7.19 21.15
C LYS B 41 4.76 -7.77 22.56
N SER B 42 5.20 -9.01 22.69
CA SER B 42 5.15 -9.74 23.96
C SER B 42 6.46 -10.50 24.19
N ALA B 43 6.75 -10.76 25.45
CA ALA B 43 7.93 -11.48 25.89
C ALA B 43 7.57 -12.90 26.34
N GLU B 44 6.27 -13.22 26.38
CA GLU B 44 5.82 -14.55 26.82
C GLU B 44 6.08 -15.57 25.70
N PRO B 45 6.66 -16.72 26.04
CA PRO B 45 6.84 -17.76 25.01
C PRO B 45 5.51 -18.22 24.40
N HIS B 46 5.51 -18.50 23.11
CA HIS B 46 4.35 -19.06 22.45
C HIS B 46 4.46 -20.58 22.53
N PRO B 47 3.34 -21.29 22.64
CA PRO B 47 3.47 -22.75 22.79
C PRO B 47 4.00 -23.50 21.56
N LYS B 48 3.90 -22.89 20.38
CA LYS B 48 4.25 -23.55 19.12
C LYS B 48 5.38 -22.87 18.33
N LEU B 49 5.46 -21.55 18.39
CA LEU B 49 6.57 -20.80 17.80
C LEU B 49 7.78 -20.67 18.76
N PRO B 50 8.98 -21.08 18.34
CA PRO B 50 10.11 -21.03 19.26
C PRO B 50 10.55 -19.62 19.53
N GLY B 51 11.21 -19.39 20.66
CA GLY B 51 11.89 -18.14 20.92
C GLY B 51 11.06 -17.07 21.56
N THR B 52 11.75 -16.15 22.25
CA THR B 52 11.22 -14.86 22.68
C THR B 52 12.33 -13.85 22.44
N ILE B 53 12.05 -12.57 22.61
CA ILE B 53 13.13 -11.56 22.54
C ILE B 53 14.28 -11.87 23.51
N TYR B 54 14.00 -12.42 24.68
CA TYR B 54 15.06 -12.75 25.65
C TYR B 54 15.97 -13.88 25.16
N THR B 55 15.40 -14.97 24.65
CA THR B 55 16.23 -16.05 24.10
C THR B 55 16.93 -15.57 22.83
N ALA B 56 16.28 -14.71 22.06
CA ALA B 56 16.95 -14.05 20.93
C ALA B 56 18.16 -13.28 21.43
N ALA B 57 17.97 -12.55 22.53
CA ALA B 57 19.06 -11.76 23.09
C ALA B 57 20.24 -12.64 23.46
N LYS B 58 19.99 -13.78 24.12
CA LYS B 58 21.11 -14.65 24.49
C LYS B 58 21.85 -15.06 23.21
N GLU B 59 21.13 -15.49 22.20
CA GLU B 59 21.79 -15.95 20.96
C GLU B 59 22.60 -14.82 20.33
N ILE B 60 22.07 -13.59 20.35
CA ILE B 60 22.82 -12.44 19.85
C ILE B 60 24.16 -12.29 20.60
N GLU B 61 24.13 -12.45 21.92
CA GLU B 61 25.33 -12.28 22.75
C GLU B 61 26.32 -13.39 22.52
N GLU B 62 25.83 -14.64 22.50
CA GLU B 62 26.65 -15.82 22.20
C GLU B 62 27.29 -15.75 20.79
N ALA B 63 26.70 -14.98 19.89
CA ALA B 63 27.25 -14.77 18.55
C ALA B 63 28.36 -13.73 18.55
N GLY B 64 28.36 -12.86 19.57
CA GLY B 64 29.44 -11.86 19.77
C GLY B 64 29.00 -10.40 19.87
N GLY B 65 27.69 -10.17 19.89
CA GLY B 65 27.15 -8.81 19.90
C GLY B 65 26.56 -8.48 21.24
N GLN B 66 25.99 -7.28 21.31
CA GLN B 66 25.29 -6.81 22.50
C GLN B 66 23.81 -6.73 22.12
N ALA B 67 22.93 -7.19 23.01
CA ALA B 67 21.51 -7.29 22.72
C ALA B 67 20.69 -6.41 23.65
N LEU B 68 19.63 -5.82 23.11
CA LEU B 68 18.69 -5.02 23.89
C LEU B 68 17.29 -5.45 23.49
N PRO B 69 16.76 -6.48 24.17
CA PRO B 69 15.39 -6.86 23.87
C PRO B 69 14.46 -5.85 24.46
N ILE B 70 13.46 -5.43 23.69
CA ILE B 70 12.50 -4.40 24.12
C ILE B 70 11.09 -4.95 23.84
N VAL B 71 10.25 -4.90 24.86
CA VAL B 71 8.83 -5.17 24.68
C VAL B 71 8.13 -3.93 24.10
N GLY B 72 7.50 -4.08 22.95
CA GLY B 72 6.70 -3.01 22.37
C GLY B 72 5.87 -3.42 21.17
N ASP B 73 4.63 -3.00 21.16
CA ASP B 73 3.71 -3.24 20.04
C ASP B 73 4.00 -2.25 18.91
N ILE B 74 4.50 -2.77 17.80
CA ILE B 74 4.79 -1.96 16.60
C ILE B 74 3.56 -1.20 16.07
N ARG B 75 2.36 -1.61 16.48
CA ARG B 75 1.14 -0.94 16.09
CA ARG B 75 1.12 -0.96 16.09
C ARG B 75 0.83 0.24 16.98
N ASP B 76 1.58 0.38 18.08
CA ASP B 76 1.42 1.52 18.99
C ASP B 76 2.61 2.44 18.75
N GLY B 77 2.32 3.62 18.24
CA GLY B 77 3.34 4.55 17.80
C GLY B 77 4.21 5.08 18.93
N ASP B 78 3.60 5.22 20.10
CA ASP B 78 4.34 5.64 21.28
C ASP B 78 5.31 4.55 21.71
N ALA B 79 4.86 3.29 21.66
CA ALA B 79 5.74 2.17 22.04
C ALA B 79 6.93 2.11 21.09
N VAL B 80 6.67 2.40 19.81
CA VAL B 80 7.76 2.44 18.83
C VAL B 80 8.73 3.54 19.19
N ALA B 81 8.23 4.74 19.47
CA ALA B 81 9.08 5.87 19.85
C ALA B 81 9.89 5.51 21.09
N ALA B 82 9.24 4.90 22.07
CA ALA B 82 9.92 4.52 23.31
C ALA B 82 10.99 3.47 23.05
N ALA B 83 10.74 2.53 22.15
CA ALA B 83 11.77 1.52 21.85
C ALA B 83 12.99 2.16 21.15
N VAL B 84 12.76 3.12 20.27
CA VAL B 84 13.88 3.77 19.58
C VAL B 84 14.72 4.65 20.54
N ALA B 85 14.03 5.48 21.33
CA ALA B 85 14.66 6.27 22.41
C ALA B 85 15.46 5.39 23.36
N LYS B 86 14.96 4.19 23.65
CA LYS B 86 15.67 3.31 24.55
C LYS B 86 16.92 2.76 23.87
N THR B 87 16.83 2.52 22.57
CA THR B 87 17.97 2.06 21.79
C THR B 87 19.05 3.15 21.76
N VAL B 88 18.62 4.39 21.53
CA VAL B 88 19.53 5.53 21.46
C VAL B 88 20.22 5.82 22.80
N GLU B 89 19.47 5.81 23.90
CA GLU B 89 20.04 6.04 25.26
C GLU B 89 21.07 4.97 25.65
N GLN B 90 20.87 3.76 25.16
CA GLN B 90 21.72 2.62 25.48
C GLN B 90 22.94 2.56 24.55
N PHE B 91 22.74 2.77 23.25
CA PHE B 91 23.83 2.55 22.25
C PHE B 91 24.31 3.81 21.53
N GLY B 92 23.57 4.89 21.62
CA GLY B 92 24.08 6.19 21.18
C GLY B 92 23.77 6.59 19.75
N GLY B 93 23.00 5.80 19.00
CA GLY B 93 22.78 6.12 17.59
C GLY B 93 22.43 4.87 16.78
N ILE B 94 21.82 5.07 15.62
CA ILE B 94 21.32 3.93 14.86
C ILE B 94 21.92 3.90 13.46
N ASP B 95 22.60 2.81 13.17
CA ASP B 95 23.23 2.62 11.88
C ASP B 95 22.34 1.88 10.91
N ILE B 96 21.60 0.90 11.44
CA ILE B 96 20.83 -0.02 10.65
C ILE B 96 19.41 -0.18 11.23
N CYS B 97 18.41 0.00 10.35
CA CYS B 97 17.02 -0.24 10.68
C CYS B 97 16.52 -1.35 9.77
N VAL B 98 16.16 -2.49 10.34
CA VAL B 98 15.60 -3.58 9.55
C VAL B 98 14.14 -3.73 9.89
N ASN B 99 13.28 -3.56 8.88
CA ASN B 99 11.85 -3.79 9.03
C ASN B 99 11.51 -5.21 8.62
N ASN B 100 11.42 -6.07 9.64
CA ASN B 100 11.14 -7.49 9.44
C ASN B 100 9.79 -7.96 10.02
N ALA B 101 9.20 -7.25 10.95
CA ALA B 101 7.90 -7.65 11.52
C ALA B 101 6.91 -7.90 10.40
N SER B 102 6.15 -8.98 10.50
CA SER B 102 5.28 -9.37 9.42
C SER B 102 4.01 -10.01 9.90
N ALA B 103 3.09 -10.15 8.96
CA ALA B 103 1.82 -10.78 9.23
C ALA B 103 1.32 -11.31 7.89
N ILE B 104 0.72 -12.49 7.93
CA ILE B 104 0.35 -13.18 6.71
C ILE B 104 -1.04 -13.83 6.82
N ASN B 105 -1.80 -13.70 5.75
CA ASN B 105 -3.03 -14.43 5.52
C ASN B 105 -3.19 -14.38 3.99
N LEU B 106 -3.49 -15.53 3.37
CA LEU B 106 -3.41 -15.64 1.91
C LEU B 106 -4.80 -15.71 1.31
N GLY B 107 -5.81 -15.32 2.09
CA GLY B 107 -7.18 -15.33 1.58
C GLY B 107 -7.47 -14.10 0.73
N SER B 108 -8.63 -14.14 0.07
CA SER B 108 -9.10 -13.04 -0.74
C SER B 108 -9.81 -11.97 0.09
N ILE B 109 -10.19 -10.87 -0.55
CA ILE B 109 -10.98 -9.83 0.09
C ILE B 109 -12.29 -10.37 0.64
N GLU B 110 -12.82 -11.39 -0.02
CA GLU B 110 -14.05 -12.02 0.42
C GLU B 110 -13.86 -12.82 1.71
N GLU B 111 -12.63 -13.28 1.98
CA GLU B 111 -12.33 -14.19 3.09
C GLU B 111 -11.65 -13.54 4.29
N VAL B 112 -10.99 -12.38 4.09
CA VAL B 112 -10.16 -11.75 5.11
C VAL B 112 -10.91 -10.58 5.76
N PRO B 113 -11.42 -10.77 6.98
CA PRO B 113 -12.18 -9.65 7.57
C PRO B 113 -11.30 -8.45 7.88
N LEU B 114 -11.96 -7.33 8.09
CA LEU B 114 -11.29 -6.07 8.33
C LEU B 114 -10.28 -6.17 9.49
N LYS B 115 -10.61 -6.91 10.54
CA LYS B 115 -9.74 -7.05 11.71
C LYS B 115 -8.41 -7.74 11.33
N ARG B 116 -8.49 -8.71 10.46
CA ARG B 116 -7.28 -9.37 9.98
C ARG B 116 -6.50 -8.45 9.06
N PHE B 117 -7.21 -7.76 8.18
CA PHE B 117 -6.59 -6.78 7.31
C PHE B 117 -5.78 -5.77 8.11
N ASP B 118 -6.40 -5.23 9.18
CA ASP B 118 -5.74 -4.21 10.02
C ASP B 118 -4.50 -4.75 10.69
N LEU B 119 -4.49 -6.02 11.01
CA LEU B 119 -3.31 -6.53 11.63
C LEU B 119 -2.18 -6.55 10.60
N MET B 120 -2.50 -6.90 9.36
CA MET B 120 -1.49 -6.92 8.30
C MET B 120 -1.00 -5.50 7.90
N ASN B 121 -1.95 -4.61 7.64
CA ASN B 121 -1.67 -3.24 7.28
C ASN B 121 -0.95 -2.59 8.48
N GLY B 122 -1.44 -2.88 9.69
CA GLY B 122 -0.89 -2.25 10.89
C GLY B 122 0.57 -2.57 11.10
N ILE B 123 0.90 -3.84 11.08
CA ILE B 123 2.25 -4.25 11.39
C ILE B 123 3.20 -3.92 10.24
N GLN B 124 2.76 -4.10 9.01
CA GLN B 124 3.68 -4.03 7.87
C GLN B 124 3.77 -2.67 7.18
N VAL B 125 2.64 -2.07 6.88
CA VAL B 125 2.65 -0.81 6.14
C VAL B 125 2.81 0.30 7.14
N ARG B 126 1.90 0.38 8.09
CA ARG B 126 1.97 1.37 9.14
C ARG B 126 3.23 1.15 10.00
N GLY B 127 3.49 -0.09 10.36
CA GLY B 127 4.64 -0.41 11.17
C GLY B 127 5.97 -0.06 10.52
N THR B 128 6.14 -0.38 9.25
CA THR B 128 7.38 -0.04 8.56
C THR B 128 7.56 1.47 8.52
N TYR B 129 6.45 2.20 8.35
CA TYR B 129 6.46 3.64 8.33
C TYR B 129 6.89 4.18 9.71
N ALA B 130 6.20 3.75 10.78
CA ALA B 130 6.47 4.26 12.13
C ALA B 130 7.90 3.94 12.62
N VAL B 131 8.31 2.69 12.45
CA VAL B 131 9.65 2.29 12.83
C VAL B 131 10.71 3.09 12.04
N SER B 132 10.54 3.20 10.72
CA SER B 132 11.51 3.90 9.88
C SER B 132 11.55 5.37 10.23
N GLN B 133 10.39 5.99 10.39
CA GLN B 133 10.31 7.40 10.71
C GLN B 133 11.00 7.68 12.01
N SER B 134 10.79 6.82 12.97
CA SER B 134 11.31 7.08 14.30
C SER B 134 12.83 6.88 14.32
N CYS B 135 13.33 5.94 13.51
CA CYS B 135 14.78 5.70 13.42
C CYS B 135 15.53 6.82 12.68
N ILE B 136 14.91 7.42 11.66
CA ILE B 136 15.61 8.27 10.73
C ILE B 136 16.48 9.39 11.36
N PRO B 137 15.95 10.14 12.34
CA PRO B 137 16.76 11.20 12.94
C PRO B 137 18.06 10.71 13.62
N HIS B 138 18.03 9.49 14.13
CA HIS B 138 19.16 8.95 14.86
C HIS B 138 20.15 8.27 13.90
N MET B 139 19.87 8.30 12.60
CA MET B 139 20.73 7.69 11.61
C MET B 139 21.48 8.71 10.76
N LYS B 140 20.99 9.93 10.71
CA LYS B 140 21.58 10.98 9.88
C LYS B 140 23.10 11.21 10.09
N GLY B 141 23.57 11.16 11.31
CA GLY B 141 25.00 11.45 11.50
C GLY B 141 25.98 10.38 11.01
N ARG B 142 25.49 9.18 10.71
CA ARG B 142 26.32 7.97 10.84
C ARG B 142 27.16 7.72 9.60
N ASP B 143 28.07 6.75 9.71
CA ASP B 143 29.06 6.50 8.66
C ASP B 143 28.42 6.00 7.37
N ASN B 144 27.52 5.04 7.50
CA ASN B 144 26.98 4.38 6.33
C ASN B 144 25.57 3.81 6.59
N PRO B 145 24.59 4.66 6.94
CA PRO B 145 23.30 4.19 7.45
C PRO B 145 22.39 3.52 6.42
N HIS B 146 21.71 2.45 6.84
CA HIS B 146 20.88 1.64 5.96
C HIS B 146 19.54 1.34 6.57
N ILE B 147 18.47 1.58 5.81
CA ILE B 147 17.19 0.97 6.14
C ILE B 147 16.98 -0.20 5.20
N LEU B 148 16.59 -1.35 5.73
CA LEU B 148 16.39 -2.54 4.91
C LEU B 148 15.06 -3.15 5.30
N THR B 149 14.22 -3.39 4.29
CA THR B 149 12.83 -3.75 4.51
C THR B 149 12.59 -5.05 3.80
N LEU B 150 11.98 -5.98 4.51
CA LEU B 150 11.89 -7.37 4.08
C LEU B 150 10.56 -7.54 3.34
N SER B 151 10.61 -7.22 2.04
CA SER B 151 9.40 -7.13 1.22
C SER B 151 9.79 -7.28 -0.24
N PRO B 152 8.82 -7.52 -1.13
CA PRO B 152 9.14 -7.96 -2.47
C PRO B 152 9.16 -6.84 -3.48
N PRO B 153 9.74 -7.09 -4.64
CA PRO B 153 9.57 -6.16 -5.78
C PRO B 153 8.12 -6.03 -6.14
N ILE B 154 7.77 -4.86 -6.67
CA ILE B 154 6.44 -4.53 -7.09
C ILE B 154 6.30 -5.11 -8.47
N ARG B 155 5.47 -6.14 -8.57
CA ARG B 155 5.14 -6.83 -9.81
C ARG B 155 3.66 -6.54 -10.12
N LEU B 156 3.40 -6.00 -11.31
CA LEU B 156 2.10 -5.44 -11.65
C LEU B 156 1.30 -6.26 -12.65
N GLU B 157 1.91 -7.33 -13.16
CA GLU B 157 1.20 -8.26 -14.02
C GLU B 157 0.09 -8.91 -13.16
N PRO B 158 -1.08 -9.14 -13.77
CA PRO B 158 -2.26 -9.68 -13.07
C PRO B 158 -2.02 -10.86 -12.12
N LYS B 159 -1.20 -11.82 -12.52
CA LYS B 159 -1.00 -13.00 -11.69
C LYS B 159 -0.45 -12.62 -10.32
N TRP B 160 0.28 -11.53 -10.23
CA TRP B 160 0.94 -11.13 -8.99
C TRP B 160 0.10 -10.26 -8.07
N LEU B 161 -1.08 -9.84 -8.53
CA LEU B 161 -1.89 -8.89 -7.78
C LEU B 161 -2.89 -9.63 -6.89
N ARG B 162 -2.41 -10.60 -6.15
CA ARG B 162 -3.22 -11.62 -5.53
C ARG B 162 -2.32 -12.29 -4.50
N PRO B 163 -2.83 -12.66 -3.32
CA PRO B 163 -4.15 -12.32 -2.81
C PRO B 163 -4.07 -10.92 -2.28
N THR B 164 -5.19 -10.22 -2.33
CA THR B 164 -5.22 -8.75 -2.22
C THR B 164 -4.76 -8.18 -0.88
N PRO B 165 -5.32 -8.66 0.22
CA PRO B 165 -4.87 -8.11 1.50
C PRO B 165 -3.37 -8.20 1.72
N TYR B 166 -2.83 -9.38 1.54
CA TYR B 166 -1.40 -9.60 1.76
C TYR B 166 -0.55 -8.86 0.73
N MET B 167 -0.94 -8.89 -0.54
CA MET B 167 -0.21 -8.15 -1.56
C MET B 167 -0.21 -6.67 -1.24
N MET B 168 -1.35 -6.15 -0.78
CA MET B 168 -1.40 -4.73 -0.40
C MET B 168 -0.40 -4.39 0.71
N ALA B 169 -0.34 -5.25 1.71
CA ALA B 169 0.52 -5.04 2.85
C ALA B 169 1.97 -5.15 2.42
N LYS B 170 2.31 -6.21 1.69
CA LYS B 170 3.72 -6.40 1.32
C LYS B 170 4.17 -5.34 0.33
N TYR B 171 3.36 -5.04 -0.69
CA TYR B 171 3.74 -3.98 -1.62
C TYR B 171 3.80 -2.61 -0.92
N GLY B 172 2.89 -2.39 0.04
CA GLY B 172 2.90 -1.17 0.85
C GLY B 172 4.21 -0.96 1.58
N MET B 173 4.76 -2.04 2.16
CA MET B 173 6.11 -2.02 2.80
C MET B 173 7.16 -1.63 1.79
N THR B 174 7.15 -2.27 0.64
CA THR B 174 8.13 -1.94 -0.40
C THR B 174 7.98 -0.48 -0.84
N LEU B 175 6.77 -0.03 -1.08
CA LEU B 175 6.58 1.38 -1.48
C LEU B 175 7.09 2.36 -0.42
N CYS B 176 6.90 2.02 0.85
CA CYS B 176 7.45 2.84 1.91
C CYS B 176 8.97 2.93 1.75
N ALA B 177 9.60 1.78 1.54
CA ALA B 177 11.03 1.70 1.48
C ALA B 177 11.58 2.47 0.30
N LEU B 178 10.90 2.36 -0.84
CA LEU B 178 11.33 3.07 -2.05
C LEU B 178 11.07 4.57 -1.95
N GLY B 179 10.00 4.97 -1.31
CA GLY B 179 9.74 6.38 -1.11
C GLY B 179 10.80 6.99 -0.21
N ILE B 180 11.03 6.35 0.94
CA ILE B 180 12.10 6.75 1.84
C ILE B 180 13.43 6.87 1.12
N ALA B 181 13.73 5.97 0.19
CA ALA B 181 15.00 6.04 -0.51
C ALA B 181 15.11 7.40 -1.21
N GLU B 182 14.04 7.84 -1.86
CA GLU B 182 14.05 9.17 -2.49
C GLU B 182 14.12 10.33 -1.50
N GLU B 183 13.31 10.25 -0.43
CA GLU B 183 13.17 11.38 0.49
C GLU B 183 14.39 11.55 1.40
N LEU B 184 15.17 10.48 1.58
CA LEU B 184 16.38 10.55 2.39
C LEU B 184 17.69 10.49 1.58
N ARG B 185 17.57 10.57 0.27
CA ARG B 185 18.74 10.53 -0.62
C ARG B 185 19.75 11.64 -0.25
N ASP B 186 19.27 12.87 -0.06
CA ASP B 186 20.15 13.99 0.33
C ASP B 186 20.79 13.80 1.70
N ALA B 187 20.04 13.19 2.62
CA ALA B 187 20.58 12.90 3.96
C ALA B 187 21.57 11.71 3.91
N GLY B 188 21.57 10.96 2.82
CA GLY B 188 22.50 9.81 2.69
C GLY B 188 22.14 8.55 3.47
N ILE B 189 20.86 8.30 3.69
CA ILE B 189 20.44 7.02 4.28
C ILE B 189 19.94 6.09 3.19
N ALA B 190 20.56 4.93 3.07
CA ALA B 190 20.13 3.92 2.10
C ALA B 190 18.80 3.38 2.57
N SER B 191 17.92 3.07 1.62
CA SER B 191 16.71 2.29 1.90
C SER B 191 16.46 1.33 0.75
N ASN B 192 16.49 0.05 1.06
CA ASN B 192 16.33 -1.00 0.06
C ASN B 192 15.33 -2.05 0.54
N THR B 193 14.84 -2.87 -0.37
CA THR B 193 14.05 -4.03 0.06
C THR B 193 14.81 -5.29 -0.31
N LEU B 194 14.50 -6.38 0.38
CA LEU B 194 15.20 -7.65 0.18
C LEU B 194 14.23 -8.79 0.39
N TRP B 195 14.22 -9.73 -0.57
CA TRP B 195 13.23 -10.80 -0.65
C TRP B 195 13.88 -12.09 -1.19
N PRO B 196 13.51 -13.26 -0.65
CA PRO B 196 14.16 -14.49 -1.08
C PRO B 196 13.42 -15.14 -2.24
N ARG B 197 14.12 -15.89 -3.07
CA ARG B 197 13.50 -16.47 -4.25
C ARG B 197 12.70 -17.72 -3.95
N THR B 198 13.03 -18.39 -2.86
CA THR B 198 12.33 -19.61 -2.50
C THR B 198 11.64 -19.39 -1.16
N THR B 199 10.80 -20.32 -0.74
CA THR B 199 10.28 -20.29 0.63
C THR B 199 11.47 -20.58 1.52
N VAL B 200 11.47 -19.99 2.71
CA VAL B 200 12.50 -20.23 3.72
C VAL B 200 11.94 -21.03 4.87
N ALA B 201 12.52 -22.19 5.13
CA ALA B 201 12.07 -23.08 6.21
C ALA B 201 12.73 -22.65 7.51
N THR B 202 11.93 -22.41 8.53
CA THR B 202 12.45 -21.98 9.82
C THR B 202 12.03 -23.03 10.82
N ALA B 203 12.58 -22.97 12.02
CA ALA B 203 12.20 -23.90 13.08
C ALA B 203 10.67 -23.87 13.32
N ALA B 204 10.06 -22.70 13.27
CA ALA B 204 8.62 -22.61 13.42
C ALA B 204 7.87 -23.57 12.48
N VAL B 205 8.37 -23.77 11.26
CA VAL B 205 7.70 -24.67 10.32
C VAL B 205 7.74 -26.10 10.84
N GLN B 206 8.89 -26.52 11.31
CA GLN B 206 9.02 -27.87 11.86
C GLN B 206 8.04 -28.08 13.02
N ASN B 207 8.04 -27.14 13.93
CA ASN B 207 7.17 -27.20 15.09
C ASN B 207 5.71 -27.41 14.70
N LEU B 208 5.22 -26.59 13.75
CA LEU B 208 3.84 -26.67 13.31
C LEU B 208 3.53 -27.91 12.48
N LEU B 209 4.48 -28.37 11.67
CA LEU B 209 4.35 -29.68 10.99
C LEU B 209 4.38 -30.83 11.99
N GLY B 210 5.10 -30.65 13.09
CA GLY B 210 5.19 -31.64 14.16
C GLY B 210 6.24 -32.72 13.94
N GLY B 211 7.22 -32.43 13.08
CA GLY B 211 8.27 -33.42 12.76
C GLY B 211 9.64 -32.82 12.57
N ASP B 212 10.63 -33.71 12.37
CA ASP B 212 12.04 -33.33 12.11
C ASP B 212 12.34 -33.60 10.64
N GLU B 213 11.48 -33.05 9.77
CA GLU B 213 11.47 -33.36 8.32
C GLU B 213 12.11 -32.31 7.39
N ALA B 214 12.61 -32.82 6.26
CA ALA B 214 13.41 -32.06 5.31
C ALA B 214 12.46 -31.25 4.45
N MET B 215 12.72 -29.95 4.36
CA MET B 215 11.89 -29.08 3.52
C MET B 215 12.65 -28.94 2.20
N ALA B 216 12.44 -29.91 1.33
CA ALA B 216 13.32 -30.14 0.18
C ALA B 216 13.18 -29.03 -0.84
N ARG B 217 12.02 -28.40 -0.88
CA ARG B 217 11.79 -27.32 -1.82
C ARG B 217 12.18 -25.94 -1.29
N SER B 218 12.81 -25.87 -0.12
CA SER B 218 13.03 -24.62 0.59
C SER B 218 14.50 -24.33 0.83
N ARG B 219 14.78 -23.11 1.28
CA ARG B 219 16.15 -22.73 1.67
C ARG B 219 16.18 -22.29 3.13
N LYS B 220 17.40 -22.27 3.67
CA LYS B 220 17.65 -21.90 5.07
C LYS B 220 17.62 -20.38 5.30
N PRO B 221 17.35 -19.95 6.54
CA PRO B 221 17.26 -18.51 6.80
C PRO B 221 18.55 -17.76 6.54
N GLU B 222 19.66 -18.48 6.58
CA GLU B 222 20.96 -17.93 6.22
C GLU B 222 20.98 -17.29 4.84
N VAL B 223 20.19 -17.77 3.89
CA VAL B 223 20.15 -17.13 2.60
C VAL B 223 19.74 -15.66 2.73
N TYR B 224 18.85 -15.36 3.67
CA TYR B 224 18.40 -14.00 3.96
C TYR B 224 19.44 -13.23 4.79
N ALA B 225 19.97 -13.86 5.83
CA ALA B 225 21.01 -13.25 6.69
C ALA B 225 22.25 -12.85 5.89
N ASP B 226 22.80 -13.77 5.11
CA ASP B 226 23.98 -13.48 4.28
C ASP B 226 23.68 -12.41 3.23
N ALA B 227 22.50 -12.44 2.60
CA ALA B 227 22.18 -11.40 1.61
C ALA B 227 22.08 -10.03 2.31
N ALA B 228 21.40 -9.99 3.45
CA ALA B 228 21.23 -8.74 4.20
C ALA B 228 22.59 -8.12 4.51
N TYR B 229 23.51 -8.99 4.97
CA TYR B 229 24.84 -8.60 5.36
C TYR B 229 25.55 -7.90 4.21
N VAL B 230 25.49 -8.49 3.04
CA VAL B 230 26.08 -7.88 1.86
C VAL B 230 25.51 -6.49 1.62
N VAL B 231 24.19 -6.35 1.71
CA VAL B 231 23.52 -5.08 1.44
C VAL B 231 23.89 -4.03 2.49
N LEU B 232 23.96 -4.44 3.76
CA LEU B 232 24.22 -3.49 4.85
C LEU B 232 25.66 -2.96 4.88
N ASN B 233 26.53 -3.62 4.12
CA ASN B 233 27.90 -3.17 3.93
C ASN B 233 28.12 -2.35 2.67
N LYS B 234 27.09 -2.19 1.83
CA LYS B 234 27.27 -1.37 0.63
C LYS B 234 27.27 0.10 1.02
N PRO B 235 27.74 0.96 0.12
CA PRO B 235 27.66 2.38 0.45
C PRO B 235 26.20 2.85 0.47
N SER B 236 25.94 3.90 1.24
CA SER B 236 24.59 4.44 1.37
C SER B 236 24.04 5.00 0.03
N SER B 237 24.89 5.11 -1.00
CA SER B 237 24.44 5.41 -2.36
C SER B 237 23.71 4.21 -3.02
N TYR B 238 23.94 3.01 -2.49
CA TYR B 238 23.23 1.82 -3.00
C TYR B 238 21.83 1.78 -2.38
N THR B 239 20.87 2.37 -3.08
CA THR B 239 19.59 2.75 -2.49
C THR B 239 18.48 2.69 -3.52
N GLY B 240 17.26 2.56 -3.04
CA GLY B 240 16.10 2.47 -3.92
C GLY B 240 15.96 1.18 -4.70
N ASN B 241 16.60 0.10 -4.24
CA ASN B 241 16.61 -1.18 -4.96
C ASN B 241 15.66 -2.17 -4.36
N THR B 242 14.94 -2.90 -5.21
CA THR B 242 14.08 -3.99 -4.73
C THR B 242 14.82 -5.29 -5.06
N LEU B 243 15.55 -5.81 -4.06
CA LEU B 243 16.53 -6.91 -4.24
C LEU B 243 16.03 -8.32 -3.90
N LEU B 244 16.59 -9.31 -4.60
CA LEU B 244 16.36 -10.73 -4.30
C LEU B 244 17.61 -11.35 -3.64
N CYS B 245 17.46 -12.18 -2.61
CA CYS B 245 18.62 -12.67 -1.86
C CYS B 245 19.66 -13.36 -2.76
N GLU B 246 19.23 -14.39 -3.47
CA GLU B 246 20.14 -15.17 -4.26
C GLU B 246 20.91 -14.29 -5.28
N ASP B 247 20.20 -13.38 -5.94
CA ASP B 247 20.85 -12.47 -6.88
C ASP B 247 21.94 -11.63 -6.20
N VAL B 248 21.63 -11.10 -5.03
CA VAL B 248 22.57 -10.27 -4.29
C VAL B 248 23.82 -11.10 -3.99
N LEU B 249 23.59 -12.34 -3.60
CA LEU B 249 24.69 -13.22 -3.21
C LEU B 249 25.62 -13.53 -4.39
N LEU B 250 25.08 -13.89 -5.57
CA LEU B 250 25.93 -14.11 -6.76
C LEU B 250 26.71 -12.88 -7.17
N GLU B 251 26.09 -11.72 -7.09
CA GLU B 251 26.73 -10.46 -7.46
CA GLU B 251 26.77 -10.48 -7.48
C GLU B 251 27.92 -10.17 -6.53
N SER B 252 27.86 -10.71 -5.30
CA SER B 252 28.87 -10.51 -4.26
C SER B 252 30.05 -11.48 -4.31
N GLY B 253 29.86 -12.61 -4.98
CA GLY B 253 30.91 -13.61 -5.21
C GLY B 253 30.60 -15.04 -4.77
N VAL B 254 29.46 -15.24 -4.13
CA VAL B 254 29.03 -16.58 -3.83
C VAL B 254 28.77 -17.32 -5.15
N THR B 255 29.38 -18.49 -5.35
CA THR B 255 29.14 -19.26 -6.58
C THR B 255 28.22 -20.45 -6.36
N ASP B 256 28.21 -20.94 -5.13
CA ASP B 256 27.50 -22.19 -4.81
C ASP B 256 26.33 -21.87 -3.88
N LEU B 257 25.14 -21.68 -4.44
CA LEU B 257 23.96 -21.42 -3.61
C LEU B 257 23.43 -22.64 -2.84
N SER B 258 23.93 -23.85 -3.15
CA SER B 258 23.44 -25.07 -2.49
CA SER B 258 23.48 -25.08 -2.50
C SER B 258 23.66 -25.07 -0.99
N VAL B 259 24.63 -24.29 -0.51
CA VAL B 259 24.87 -24.24 0.93
C VAL B 259 23.65 -23.64 1.68
N TYR B 260 22.73 -23.04 0.93
CA TYR B 260 21.48 -22.51 1.50
C TYR B 260 20.29 -23.48 1.37
N ASP B 261 20.45 -24.50 0.55
CA ASP B 261 19.39 -25.47 0.31
C ASP B 261 19.20 -26.34 1.57
N CYS B 262 17.94 -26.50 2.00
CA CYS B 262 17.62 -27.37 3.12
C CYS B 262 18.01 -28.79 2.73
N VAL B 263 17.75 -29.18 1.46
CA VAL B 263 18.22 -30.44 0.90
C VAL B 263 18.82 -30.28 -0.51
N PRO B 264 20.16 -30.23 -0.63
CA PRO B 264 20.83 -30.03 -1.92
C PRO B 264 20.48 -31.04 -3.02
N GLY B 265 20.39 -30.56 -4.27
CA GLY B 265 20.05 -31.39 -5.42
C GLY B 265 18.56 -31.67 -5.57
N SER B 266 17.74 -30.90 -4.85
CA SER B 266 16.28 -30.97 -4.99
C SER B 266 15.80 -29.96 -6.01
N GLU B 267 14.58 -30.17 -6.47
CA GLU B 267 13.88 -29.20 -7.29
C GLU B 267 13.31 -28.16 -6.32
N LEU B 268 13.72 -26.91 -6.44
CA LEU B 268 13.34 -25.91 -5.46
C LEU B 268 12.03 -25.22 -5.85
N GLY B 269 11.25 -24.85 -4.84
CA GLY B 269 10.01 -24.10 -5.04
C GLY B 269 10.27 -22.60 -5.10
N VAL B 270 9.26 -21.83 -5.49
CA VAL B 270 9.42 -20.38 -5.62
C VAL B 270 8.63 -19.61 -4.58
N ASP B 271 9.22 -18.53 -4.11
CA ASP B 271 8.52 -17.61 -3.19
C ASP B 271 7.41 -16.94 -4.00
N LEU B 272 6.44 -16.34 -3.31
CA LEU B 272 5.51 -15.42 -3.94
C LEU B 272 6.30 -14.28 -4.61
N TRP B 273 5.81 -13.81 -5.75
CA TRP B 273 6.38 -12.67 -6.48
C TRP B 273 7.72 -12.97 -7.14
N VAL B 274 8.01 -14.25 -7.36
CA VAL B 274 9.25 -14.68 -7.96
C VAL B 274 8.99 -15.73 -9.02
N ASP B 275 9.67 -15.59 -10.15
CA ASP B 275 9.49 -16.53 -11.28
C ASP B 275 10.32 -17.80 -11.14
N SER B 276 11.50 -17.69 -10.56
CA SER B 276 12.46 -18.80 -10.54
C SER B 276 13.17 -18.93 -9.23
N PRO B 277 13.47 -20.16 -8.82
CA PRO B 277 14.18 -20.33 -7.56
C PRO B 277 15.63 -19.85 -7.56
N ASN B 278 16.24 -19.71 -8.73
CA ASN B 278 17.61 -19.22 -8.86
C ASN B 278 17.72 -18.03 -9.77
N PRO B 279 18.78 -17.23 -9.62
CA PRO B 279 18.95 -16.13 -10.55
C PRO B 279 19.04 -16.59 -12.01
N PRO B 280 18.72 -15.70 -12.95
CA PRO B 280 18.90 -16.03 -14.37
C PRO B 280 20.29 -16.53 -14.65
N GLY B 281 20.38 -17.65 -15.36
CA GLY B 281 21.64 -18.16 -15.88
C GLY B 281 22.55 -18.82 -14.85
N TYR B 282 22.02 -19.05 -13.65
CA TYR B 282 22.77 -19.70 -12.59
C TYR B 282 23.04 -21.15 -12.93
N THR B 283 24.31 -21.57 -12.84
CA THR B 283 24.77 -22.92 -13.20
C THR B 283 25.34 -23.70 -12.04
N GLY B 284 25.48 -23.04 -10.90
CA GLY B 284 26.07 -23.70 -9.74
C GLY B 284 25.25 -24.89 -9.31
N PRO B 285 25.70 -25.57 -8.25
CA PRO B 285 25.02 -26.76 -7.71
C PRO B 285 23.64 -26.48 -7.07
#